data_7N1D
#
_entry.id   7N1D
#
_cell.length_a   109.777
_cell.length_b   109.777
_cell.length_c   99.641
_cell.angle_alpha   90.000
_cell.angle_beta   90.000
_cell.angle_gamma   90.000
#
_symmetry.space_group_name_H-M   'I 4'
#
loop_
_entity.id
_entity.type
_entity.pdbx_description
1 polymer 'pYLQ7 T cell receptor alpha chain'
2 polymer 'pYLQ7 T cell receptor beta chain'
3 water water
#
loop_
_entity_poly.entity_id
_entity_poly.type
_entity_poly.pdbx_seq_one_letter_code
_entity_poly.pdbx_strand_id
1 'polypeptide(L)'
;QKEVEQNSGPLSVPEGAIASLNCTYSDRGSQSFFWYRQYSGKSPELIMFIYSNGDKEDGRFTAQLNKASQYVSLLIRDSQ
PSDSATYLCAVNRDDKIIFGKGTRLHILPNIQNPDPAVYQLRDSKSSDKSVCLFTDFDSQTNVSQSKDSDVYITDKCVLD
MRSMDFKSNSAVAWSNKSDFACANAFNNSIIPEDTFFPS
;
A
2 'polypeptide(L)'
;TGVSQNPRHKITKRGQNVTFRCDPISEHNRLYWYRQTLGQGPEFLTYFQNEAQLEKSRLLSDRFSAERPKGSFSTLEIQR
TEQGDSAMYLCASSPDIEQYFGPGTRLTVTEDLKNVFPPEVAVFEPSEAEISHTQKATLVCLATGFYPDHVELSWWVNGK
EVHSGVCTDPQPLKEQPALNDSRYALSSRLRVSATFWQNPRNHFRCQVQFYGLSENDEWTQDRAKPVTQIVSAEAWGRAD
;
B
#
# COMPACT_ATOMS: atom_id res chain seq x y z
N GLN A 1 -19.53 10.76 4.61
CA GLN A 1 -20.93 10.39 4.32
C GLN A 1 -21.50 9.39 5.34
N LYS A 2 -22.82 9.36 5.46
CA LYS A 2 -23.51 8.47 6.39
C LYS A 2 -24.56 7.65 5.65
N GLU A 3 -24.29 7.32 4.39
CA GLU A 3 -25.19 6.45 3.65
C GLU A 3 -24.57 5.13 3.24
N VAL A 4 -23.27 4.94 3.43
CA VAL A 4 -22.61 3.67 3.19
C VAL A 4 -21.80 3.31 4.42
N GLU A 5 -22.19 2.24 5.10
CA GLU A 5 -21.55 1.83 6.35
C GLU A 5 -20.90 0.47 6.17
N GLN A 6 -19.61 0.39 6.43
CA GLN A 6 -18.98 -0.93 6.46
C GLN A 6 -17.91 -0.92 7.54
N ASN A 7 -17.72 -2.07 8.18
CA ASN A 7 -16.68 -2.21 9.17
C ASN A 7 -15.31 -2.32 8.52
N SER A 8 -14.32 -1.69 9.15
CA SER A 8 -12.99 -1.52 8.57
C SER A 8 -12.12 -2.78 8.67
N GLY A 9 -12.54 -3.76 9.49
CA GLY A 9 -11.77 -4.93 9.78
C GLY A 9 -10.48 -4.59 10.49
N PRO A 10 -9.36 -5.16 10.04
CA PRO A 10 -9.28 -6.15 8.94
C PRO A 10 -9.98 -7.49 9.25
N LEU A 11 -10.48 -8.13 8.20
CA LEU A 11 -11.05 -9.47 8.25
C LEU A 11 -9.97 -10.45 7.86
N SER A 12 -9.81 -11.51 8.63
CA SER A 12 -8.88 -12.57 8.28
C SER A 12 -9.65 -13.83 7.92
N VAL A 13 -9.34 -14.39 6.76
CA VAL A 13 -10.06 -15.53 6.25
C VAL A 13 -9.04 -16.56 5.77
N PRO A 14 -9.21 -17.83 6.16
CA PRO A 14 -8.26 -18.85 5.71
C PRO A 14 -8.35 -19.07 4.22
N GLU A 15 -7.19 -19.21 3.60
CA GLU A 15 -7.07 -19.57 2.20
C GLU A 15 -7.98 -20.74 1.85
N GLY A 16 -8.67 -20.62 0.72
CA GLY A 16 -9.65 -21.59 0.31
C GLY A 16 -11.05 -21.34 0.83
N ALA A 17 -11.19 -20.79 2.02
CA ALA A 17 -12.53 -20.58 2.57
C ALA A 17 -13.22 -19.39 1.92
N ILE A 18 -14.50 -19.24 2.26
CA ILE A 18 -15.31 -18.12 1.76
C ILE A 18 -15.06 -16.90 2.63
N ALA A 19 -14.82 -15.78 1.98
CA ALA A 19 -14.75 -14.48 2.64
C ALA A 19 -16.09 -13.76 2.50
N SER A 20 -16.54 -13.15 3.58
CA SER A 20 -17.86 -12.55 3.58
C SER A 20 -17.72 -11.09 3.97
N LEU A 21 -18.15 -10.20 3.08
CA LEU A 21 -18.03 -8.77 3.28
C LEU A 21 -19.41 -8.17 3.27
N ASN A 22 -19.71 -7.35 4.26
CA ASN A 22 -21.07 -6.82 4.39
C ASN A 22 -21.04 -5.30 4.48
N CYS A 23 -22.18 -4.71 4.18
CA CYS A 23 -22.34 -3.28 4.07
C CYS A 23 -23.83 -2.93 4.20
N THR A 24 -24.14 -1.88 4.97
CA THR A 24 -25.51 -1.39 5.14
C THR A 24 -25.66 0.02 4.60
N TYR A 25 -26.88 0.38 4.24
CA TYR A 25 -27.12 1.70 3.66
C TYR A 25 -28.37 2.32 4.29
N SER A 26 -28.32 3.64 4.50
CA SER A 26 -29.30 4.35 5.32
C SER A 26 -30.55 4.77 4.56
N ASP A 27 -30.49 4.85 3.23
CA ASP A 27 -31.55 5.42 2.39
C ASP A 27 -32.14 4.32 1.52
N ARG A 28 -33.43 4.02 1.73
CA ARG A 28 -34.08 2.98 0.94
C ARG A 28 -34.48 3.42 -0.47
N GLY A 29 -34.25 4.69 -0.83
CA GLY A 29 -34.44 5.06 -2.23
C GLY A 29 -33.30 4.61 -3.11
N SER A 30 -32.16 4.34 -2.51
CA SER A 30 -31.00 3.88 -3.26
C SER A 30 -31.34 2.60 -4.02
N GLN A 31 -30.87 2.53 -5.26
CA GLN A 31 -31.15 1.40 -6.14
C GLN A 31 -29.90 0.71 -6.70
N SER A 32 -28.80 1.42 -6.90
CA SER A 32 -27.65 0.91 -7.63
C SER A 32 -26.42 0.85 -6.75
N PHE A 33 -25.81 -0.34 -6.67
CA PHE A 33 -24.75 -0.64 -5.71
C PHE A 33 -23.55 -1.29 -6.40
N PHE A 34 -22.37 -1.09 -5.79
CA PHE A 34 -21.11 -1.49 -6.39
C PHE A 34 -20.22 -2.07 -5.29
N TRP A 35 -19.34 -3.01 -5.69
CA TRP A 35 -18.19 -3.39 -4.88
C TRP A 35 -16.94 -3.05 -5.68
N TYR A 36 -16.03 -2.31 -5.07
CA TYR A 36 -14.77 -1.92 -5.68
C TYR A 36 -13.63 -2.57 -4.91
N ARG A 37 -12.69 -3.10 -5.64
CA ARG A 37 -11.48 -3.64 -5.04
C ARG A 37 -10.33 -2.65 -5.22
N GLN A 38 -9.61 -2.41 -4.14
CA GLN A 38 -8.48 -1.50 -4.15
C GLN A 38 -7.31 -2.20 -3.50
N TYR A 39 -6.29 -2.53 -4.29
CA TYR A 39 -5.05 -3.01 -3.72
C TYR A 39 -4.30 -1.87 -3.05
N SER A 40 -3.40 -2.25 -2.14
CA SER A 40 -2.88 -1.32 -1.15
C SER A 40 -2.21 -0.10 -1.79
N GLY A 41 -1.48 -0.28 -2.88
CA GLY A 41 -0.89 0.89 -3.52
C GLY A 41 -1.69 1.57 -4.62
N LYS A 42 -2.96 1.22 -4.82
CA LYS A 42 -3.58 1.36 -6.14
C LYS A 42 -4.91 2.08 -6.04
N SER A 43 -5.53 2.25 -7.21
CA SER A 43 -6.82 2.91 -7.30
C SER A 43 -7.94 1.90 -7.23
N PRO A 44 -9.14 2.34 -6.83
CA PRO A 44 -10.26 1.41 -6.76
C PRO A 44 -10.61 0.88 -8.13
N GLU A 45 -10.82 -0.43 -8.20
CA GLU A 45 -11.19 -1.13 -9.42
C GLU A 45 -12.57 -1.75 -9.18
N LEU A 46 -13.48 -1.58 -10.14
CA LEU A 46 -14.83 -2.14 -10.00
C LEU A 46 -14.79 -3.65 -10.23
N ILE A 47 -15.36 -4.42 -9.31
CA ILE A 47 -15.37 -5.87 -9.53
C ILE A 47 -16.79 -6.43 -9.66
N MET A 48 -17.78 -5.75 -9.08
CA MET A 48 -19.17 -6.18 -9.14
C MET A 48 -20.08 -4.99 -8.95
N PHE A 49 -21.25 -5.06 -9.59
CA PHE A 49 -22.33 -4.11 -9.42
C PHE A 49 -23.62 -4.91 -9.31
N ILE A 50 -24.63 -4.30 -8.69
CA ILE A 50 -25.93 -4.96 -8.59
C ILE A 50 -26.99 -3.88 -8.50
N TYR A 51 -28.01 -4.00 -9.36
CA TYR A 51 -29.05 -2.96 -9.47
C TYR A 51 -30.45 -3.47 -9.15
N SER A 52 -30.59 -4.73 -8.72
CA SER A 52 -31.87 -5.24 -8.27
C SER A 52 -31.64 -6.19 -7.09
N ASN A 53 -32.67 -6.28 -6.26
CA ASN A 53 -32.71 -7.28 -5.20
C ASN A 53 -32.36 -8.67 -5.72
N GLY A 54 -31.60 -9.42 -4.93
CA GLY A 54 -31.25 -10.77 -5.33
C GLY A 54 -29.75 -11.07 -5.38
N ASP A 55 -29.40 -12.14 -6.09
CA ASP A 55 -28.07 -12.70 -6.15
C ASP A 55 -27.42 -12.45 -7.50
N LYS A 56 -26.10 -12.53 -7.51
CA LYS A 56 -25.33 -12.39 -8.74
C LYS A 56 -24.01 -13.10 -8.53
N GLU A 57 -23.67 -14.01 -9.44
CA GLU A 57 -22.39 -14.69 -9.41
C GLU A 57 -21.58 -14.28 -10.64
N ASP A 58 -20.28 -14.04 -10.44
CA ASP A 58 -19.37 -13.84 -11.56
C ASP A 58 -18.01 -14.43 -11.15
N GLY A 59 -17.77 -15.67 -11.58
CA GLY A 59 -16.55 -16.34 -11.17
C GLY A 59 -16.66 -16.70 -9.71
N ARG A 60 -15.61 -16.39 -8.96
CA ARG A 60 -15.60 -16.62 -7.52
C ARG A 60 -16.39 -15.60 -6.71
N PHE A 61 -16.84 -14.50 -7.31
CA PHE A 61 -17.56 -13.45 -6.57
C PHE A 61 -19.07 -13.73 -6.58
N THR A 62 -19.72 -13.56 -5.43
CA THR A 62 -21.17 -13.50 -5.36
C THR A 62 -21.59 -12.21 -4.67
N ALA A 63 -22.30 -11.34 -5.39
CA ALA A 63 -22.84 -10.13 -4.80
C ALA A 63 -24.33 -10.32 -4.53
N GLN A 64 -24.78 -9.85 -3.37
CA GLN A 64 -26.16 -10.00 -2.93
C GLN A 64 -26.71 -8.66 -2.48
N LEU A 65 -27.88 -8.28 -2.98
CA LEU A 65 -28.51 -7.02 -2.59
C LEU A 65 -29.85 -7.37 -1.95
N ASN A 66 -30.05 -6.90 -0.73
CA ASN A 66 -31.28 -7.14 0.02
C ASN A 66 -31.88 -5.78 0.38
N LYS A 67 -32.97 -5.42 -0.27
CA LYS A 67 -33.56 -4.11 -0.03
C LYS A 67 -34.36 -4.09 1.26
N ALA A 68 -35.00 -5.21 1.63
CA ALA A 68 -35.82 -5.18 2.84
C ALA A 68 -34.98 -4.92 4.07
N SER A 69 -33.83 -5.59 4.19
CA SER A 69 -32.95 -5.40 5.34
C SER A 69 -31.91 -4.31 5.12
N GLN A 70 -31.85 -3.71 3.93
CA GLN A 70 -30.95 -2.59 3.63
C GLN A 70 -29.48 -2.95 3.83
N TYR A 71 -29.05 -4.06 3.20
CA TYR A 71 -27.65 -4.45 3.19
C TYR A 71 -27.23 -4.92 1.80
N VAL A 72 -25.94 -4.82 1.53
CA VAL A 72 -25.37 -5.42 0.33
C VAL A 72 -24.12 -6.20 0.74
N SER A 73 -23.87 -7.31 0.03
CA SER A 73 -22.84 -8.26 0.44
C SER A 73 -22.01 -8.72 -0.74
N LEU A 74 -20.76 -9.07 -0.46
CA LEU A 74 -19.87 -9.69 -1.44
C LEU A 74 -19.31 -10.96 -0.82
N LEU A 75 -19.52 -12.08 -1.50
CA LEU A 75 -18.95 -13.37 -1.12
C LEU A 75 -17.82 -13.70 -2.09
N ILE A 76 -16.68 -14.12 -1.55
CA ILE A 76 -15.54 -14.56 -2.34
C ILE A 76 -15.28 -16.03 -2.04
N ARG A 77 -15.63 -16.90 -2.99
CA ARG A 77 -15.35 -18.32 -2.83
C ARG A 77 -13.88 -18.59 -3.10
N ASP A 78 -13.37 -19.63 -2.46
CA ASP A 78 -12.02 -20.12 -2.70
C ASP A 78 -10.97 -19.02 -2.62
N SER A 79 -10.97 -18.33 -1.48
CA SER A 79 -10.04 -17.25 -1.21
C SER A 79 -8.62 -17.60 -1.61
N GLN A 80 -7.97 -16.70 -2.34
CA GLN A 80 -6.60 -16.78 -2.82
C GLN A 80 -5.73 -15.76 -2.12
N PRO A 81 -4.40 -15.83 -2.28
CA PRO A 81 -3.56 -14.72 -1.81
C PRO A 81 -3.88 -13.40 -2.50
N SER A 82 -4.28 -13.46 -3.77
CA SER A 82 -4.46 -12.24 -4.55
C SER A 82 -5.70 -11.44 -4.13
N ASP A 83 -6.61 -12.02 -3.34
CA ASP A 83 -7.79 -11.31 -2.88
C ASP A 83 -7.50 -10.39 -1.71
N SER A 84 -6.35 -10.56 -1.05
CA SER A 84 -6.00 -9.63 0.00
C SER A 84 -5.95 -8.20 -0.52
N ALA A 85 -6.92 -7.41 -0.11
CA ALA A 85 -7.07 -6.04 -0.58
C ALA A 85 -8.13 -5.38 0.28
N THR A 86 -8.39 -4.09 0.01
CA THR A 86 -9.50 -3.36 0.61
C THR A 86 -10.69 -3.41 -0.32
N TYR A 87 -11.86 -3.71 0.23
CA TYR A 87 -13.06 -3.89 -0.58
C TYR A 87 -14.03 -2.78 -0.21
N LEU A 88 -14.31 -1.92 -1.18
CA LEU A 88 -15.14 -0.73 -1.01
C LEU A 88 -16.55 -1.02 -1.48
N CYS A 89 -17.50 -0.82 -0.58
CA CYS A 89 -18.92 -0.79 -0.87
C CYS A 89 -19.30 0.60 -1.38
N ALA A 90 -20.24 0.64 -2.34
CA ALA A 90 -20.57 1.93 -2.97
C ALA A 90 -22.02 1.97 -3.47
N VAL A 91 -22.67 3.12 -3.35
CA VAL A 91 -24.05 3.29 -3.80
C VAL A 91 -24.17 4.50 -4.70
N ASN A 92 -24.92 4.37 -5.79
CA ASN A 92 -25.22 5.52 -6.63
C ASN A 92 -26.25 6.42 -5.93
N ARG A 93 -25.91 7.69 -5.77
CA ARG A 93 -26.82 8.72 -5.25
C ARG A 93 -27.00 9.75 -6.37
N ASP A 94 -28.03 9.53 -7.21
CA ASP A 94 -28.38 10.37 -8.36
C ASP A 94 -27.42 10.15 -9.53
N ASP A 95 -26.36 10.93 -9.63
CA ASP A 95 -25.39 10.67 -10.68
C ASP A 95 -23.97 10.49 -10.17
N LYS A 96 -23.76 10.49 -8.85
CA LYS A 96 -22.44 10.31 -8.25
C LYS A 96 -22.40 9.05 -7.38
N ILE A 97 -21.32 8.28 -7.50
CA ILE A 97 -21.08 7.12 -6.64
C ILE A 97 -20.55 7.61 -5.29
N ILE A 98 -21.12 7.09 -4.20
CA ILE A 98 -20.67 7.38 -2.84
C ILE A 98 -20.09 6.10 -2.22
N PHE A 99 -18.86 6.21 -1.68
CA PHE A 99 -18.11 5.08 -1.17
C PHE A 99 -18.14 4.95 0.36
N GLY A 100 -18.22 3.70 0.85
CA GLY A 100 -17.91 3.42 2.24
C GLY A 100 -16.42 3.47 2.54
N LYS A 101 -16.08 3.42 3.83
CA LYS A 101 -14.67 3.54 4.22
C LYS A 101 -13.84 2.31 3.85
N GLY A 102 -14.46 1.20 3.49
CA GLY A 102 -13.68 0.07 3.00
C GLY A 102 -13.35 -0.92 4.10
N THR A 103 -13.46 -2.19 3.77
CA THR A 103 -13.07 -3.28 4.66
C THR A 103 -11.82 -3.95 4.09
N ARG A 104 -10.82 -4.08 4.95
CA ARG A 104 -9.56 -4.71 4.56
C ARG A 104 -9.63 -6.23 4.80
N LEU A 105 -9.26 -7.00 3.78
CA LEU A 105 -9.35 -8.45 3.82
C LEU A 105 -7.96 -9.04 3.77
N HIS A 106 -7.58 -9.83 4.80
CA HIS A 106 -6.35 -10.64 4.76
C HIS A 106 -6.75 -12.09 4.56
N ILE A 107 -6.33 -12.65 3.43
CA ILE A 107 -6.45 -14.08 3.20
C ILE A 107 -5.23 -14.74 3.80
N LEU A 108 -5.42 -15.54 4.85
CA LEU A 108 -4.29 -16.13 5.56
C LEU A 108 -3.73 -17.33 4.78
N PRO A 109 -2.42 -17.38 4.52
CA PRO A 109 -1.84 -18.56 3.88
C PRO A 109 -1.92 -19.79 4.76
N ASN A 110 -2.09 -20.93 4.10
CA ASN A 110 -2.11 -22.24 4.74
C ASN A 110 -0.67 -22.73 4.83
N ILE A 111 -0.06 -22.56 6.00
CA ILE A 111 1.35 -22.92 6.18
C ILE A 111 1.43 -24.41 6.52
N GLN A 112 1.93 -25.21 5.57
CA GLN A 112 2.01 -26.66 5.71
C GLN A 112 2.79 -27.08 6.95
N ASN A 113 4.08 -26.77 7.00
CA ASN A 113 4.97 -27.18 8.09
C ASN A 113 5.64 -25.96 8.70
N PRO A 114 5.02 -25.31 9.68
CA PRO A 114 5.66 -24.16 10.33
C PRO A 114 7.00 -24.53 10.98
N ASP A 115 7.96 -23.61 10.89
CA ASP A 115 9.27 -23.76 11.53
C ASP A 115 9.71 -22.42 12.08
N PRO A 116 8.95 -21.84 13.01
CA PRO A 116 9.26 -20.50 13.51
C PRO A 116 10.69 -20.39 14.02
N ALA A 117 11.31 -19.23 13.76
CA ALA A 117 12.73 -19.01 13.96
C ALA A 117 13.02 -17.53 13.85
N VAL A 118 13.91 -17.04 14.71
CA VAL A 118 14.41 -15.67 14.64
C VAL A 118 15.87 -15.70 14.22
N TYR A 119 16.17 -15.13 13.06
CA TYR A 119 17.54 -15.00 12.58
C TYR A 119 17.95 -13.53 12.62
N GLN A 120 19.25 -13.32 12.77
CA GLN A 120 19.86 -12.00 12.67
C GLN A 120 20.59 -11.93 11.33
N LEU A 121 20.44 -10.79 10.64
CA LEU A 121 21.04 -10.55 9.34
C LEU A 121 21.94 -9.34 9.45
N ARG A 122 23.07 -9.33 8.74
CA ARG A 122 24.00 -8.22 8.84
C ARG A 122 24.24 -7.56 7.49
N ASP A 123 24.57 -6.27 7.54
CA ASP A 123 24.63 -5.44 6.35
C ASP A 123 25.65 -5.97 5.35
N SER A 124 25.29 -5.93 4.08
CA SER A 124 26.26 -6.26 3.04
C SER A 124 27.42 -5.27 3.04
N LYS A 125 27.16 -4.02 3.39
CA LYS A 125 28.20 -2.96 3.45
C LYS A 125 29.18 -2.50 4.53
N SER A 126 28.68 -2.07 5.69
CA SER A 126 29.27 -2.06 7.04
C SER A 126 28.73 -3.26 7.80
N SER A 127 29.57 -4.23 8.11
CA SER A 127 29.05 -5.41 8.80
C SER A 127 28.94 -5.17 10.31
N ASP A 128 28.44 -3.99 10.70
CA ASP A 128 28.04 -3.72 12.08
C ASP A 128 26.57 -3.36 12.20
N LYS A 129 25.90 -3.06 11.09
CA LYS A 129 24.46 -2.85 11.05
C LYS A 129 23.79 -4.20 10.90
N SER A 130 22.73 -4.43 11.68
CA SER A 130 22.07 -5.73 11.61
C SER A 130 20.56 -5.56 11.67
N VAL A 131 19.87 -6.67 11.38
CA VAL A 131 18.43 -6.76 11.33
C VAL A 131 17.99 -8.11 11.88
N CYS A 132 16.84 -8.15 12.55
CA CYS A 132 16.24 -9.38 13.03
C CYS A 132 15.09 -9.79 12.11
N LEU A 133 15.03 -11.08 11.78
CA LEU A 133 14.04 -11.62 10.87
C LEU A 133 13.28 -12.74 11.60
N PHE A 134 11.99 -12.52 11.82
CA PHE A 134 11.11 -13.54 12.36
C PHE A 134 10.37 -14.16 11.19
N THR A 135 10.57 -15.44 10.93
CA THR A 135 10.03 -16.02 9.71
C THR A 135 9.54 -17.42 10.00
N ASP A 136 8.72 -17.92 9.08
CA ASP A 136 8.27 -19.32 9.02
C ASP A 136 7.27 -19.68 10.13
N PHE A 137 6.66 -18.67 10.76
CA PHE A 137 5.61 -18.93 11.72
C PHE A 137 4.28 -19.14 11.02
N ASP A 138 3.32 -19.72 11.76
CA ASP A 138 1.99 -19.94 11.22
C ASP A 138 1.26 -18.60 11.05
N SER A 139 0.14 -18.65 10.32
CA SER A 139 -0.54 -17.46 9.83
C SER A 139 -1.39 -16.76 10.89
N GLN A 140 -1.72 -17.43 12.00
CA GLN A 140 -2.38 -16.78 13.13
C GLN A 140 -1.40 -16.36 14.23
N THR A 141 -0.12 -16.18 13.90
CA THR A 141 0.79 -15.49 14.82
C THR A 141 0.59 -14.00 14.65
N ASN A 142 0.37 -13.29 15.73
CA ASN A 142 0.20 -11.85 15.66
C ASN A 142 1.49 -11.17 16.11
N VAL A 143 2.09 -10.41 15.19
CA VAL A 143 3.25 -9.58 15.48
C VAL A 143 2.78 -8.27 16.11
N SER A 144 3.34 -7.93 17.27
CA SER A 144 2.94 -6.72 17.96
C SER A 144 3.93 -5.61 17.64
N GLN A 145 3.40 -4.42 17.36
CA GLN A 145 4.29 -3.32 17.02
C GLN A 145 5.11 -2.92 18.24
N SER A 146 6.11 -2.10 18.00
CA SER A 146 6.94 -1.61 19.09
C SER A 146 6.25 -0.43 19.78
N LYS A 147 6.28 -0.46 21.11
CA LYS A 147 6.05 0.74 21.90
C LYS A 147 7.37 1.14 22.55
N ASP A 148 8.43 1.05 21.74
CA ASP A 148 9.80 1.43 22.08
C ASP A 148 10.29 2.28 20.92
N SER A 149 10.42 3.59 21.13
CA SER A 149 10.71 4.46 20.00
C SER A 149 12.04 4.13 19.30
N ASP A 150 12.93 3.38 19.95
CA ASP A 150 14.20 2.99 19.34
C ASP A 150 14.16 1.63 18.63
N VAL A 151 13.00 0.98 18.56
CA VAL A 151 12.86 -0.33 17.97
C VAL A 151 11.78 -0.25 16.90
N TYR A 152 12.09 -0.72 15.70
CA TYR A 152 11.16 -0.71 14.58
C TYR A 152 10.78 -2.14 14.25
N ILE A 153 9.48 -2.43 14.21
CA ILE A 153 9.00 -3.76 13.87
C ILE A 153 7.92 -3.65 12.81
N THR A 154 8.09 -4.41 11.72
CA THR A 154 7.15 -4.48 10.62
C THR A 154 6.16 -5.60 10.87
N ASP A 155 4.96 -5.47 10.30
CA ASP A 155 3.97 -6.52 10.45
C ASP A 155 4.30 -7.74 9.57
N LYS A 156 3.40 -8.72 9.64
CA LYS A 156 3.46 -9.96 8.88
C LYS A 156 3.39 -9.69 7.39
N CYS A 157 4.02 -10.55 6.61
CA CYS A 157 4.10 -10.36 5.17
C CYS A 157 4.38 -11.72 4.56
N VAL A 158 3.53 -12.17 3.63
CA VAL A 158 3.66 -13.52 3.04
C VAL A 158 4.36 -13.40 1.70
N LEU A 159 5.36 -14.25 1.49
CA LEU A 159 6.02 -14.36 0.20
C LEU A 159 5.79 -15.75 -0.38
N ASP A 160 5.81 -15.82 -1.71
CA ASP A 160 5.56 -17.05 -2.45
C ASP A 160 6.77 -17.37 -3.31
N MET A 161 7.48 -18.44 -2.95
CA MET A 161 8.48 -19.04 -3.85
C MET A 161 7.72 -19.89 -4.87
N ARG A 162 7.07 -19.19 -5.81
CA ARG A 162 6.09 -19.80 -6.72
C ARG A 162 6.67 -21.00 -7.45
N SER A 163 7.95 -20.95 -7.81
CA SER A 163 8.59 -22.09 -8.45
C SER A 163 8.57 -23.32 -7.55
N MET A 164 8.93 -23.16 -6.27
CA MET A 164 9.00 -24.28 -5.35
C MET A 164 7.69 -24.54 -4.64
N ASP A 165 6.63 -23.80 -4.98
CA ASP A 165 5.31 -23.87 -4.33
C ASP A 165 5.44 -23.90 -2.80
N PHE A 166 6.03 -22.82 -2.28
CA PHE A 166 6.27 -22.66 -0.85
C PHE A 166 5.96 -21.21 -0.48
N LYS A 167 4.99 -21.02 0.40
CA LYS A 167 4.69 -19.73 0.99
C LYS A 167 5.34 -19.64 2.38
N SER A 168 5.60 -18.41 2.83
CA SER A 168 6.14 -18.22 4.17
C SER A 168 5.92 -16.78 4.64
N ASN A 169 5.58 -16.65 5.92
CA ASN A 169 5.39 -15.35 6.55
C ASN A 169 6.69 -14.86 7.16
N SER A 170 6.78 -13.55 7.38
CA SER A 170 7.92 -13.06 8.13
C SER A 170 7.66 -11.65 8.61
N ALA A 171 8.42 -11.26 9.63
CA ALA A 171 8.39 -9.91 10.14
C ALA A 171 9.82 -9.51 10.47
N VAL A 172 10.09 -8.21 10.46
CA VAL A 172 11.45 -7.71 10.58
C VAL A 172 11.52 -6.69 11.71
N ALA A 173 12.61 -6.73 12.47
CA ALA A 173 12.83 -5.74 13.50
C ALA A 173 14.27 -5.26 13.44
N TRP A 174 14.49 -3.99 13.72
CA TRP A 174 15.83 -3.43 13.86
C TRP A 174 15.78 -2.29 14.88
N SER A 175 16.95 -1.70 15.14
CA SER A 175 17.07 -0.73 16.23
C SER A 175 18.19 0.26 15.93
N ASN A 176 18.02 1.48 16.45
CA ASN A 176 19.12 2.45 16.46
C ASN A 176 20.29 1.97 17.32
N LYS A 177 20.05 1.11 18.30
CA LYS A 177 21.14 0.43 18.98
C LYS A 177 21.62 -0.77 18.15
N SER A 178 22.90 -1.12 18.31
CA SER A 178 23.41 -2.32 17.66
C SER A 178 23.94 -3.35 18.64
N ASP A 179 24.02 -3.04 19.93
CA ASP A 179 24.16 -4.08 20.95
C ASP A 179 22.84 -4.83 21.17
N PHE A 180 21.81 -4.44 20.42
CA PHE A 180 20.45 -4.95 20.53
C PHE A 180 20.37 -6.31 19.84
N ALA A 181 20.01 -7.33 20.59
CA ALA A 181 20.00 -8.70 20.11
C ALA A 181 18.59 -9.15 19.78
N CYS A 182 18.53 -10.14 18.89
CA CYS A 182 17.27 -10.62 18.35
C CYS A 182 16.50 -11.50 19.32
N ALA A 183 17.12 -11.97 20.42
CA ALA A 183 16.40 -12.74 21.43
C ALA A 183 15.27 -11.92 22.04
N ASN A 184 15.56 -10.69 22.47
CA ASN A 184 14.58 -9.81 23.07
C ASN A 184 13.91 -8.87 22.06
N ALA A 185 13.95 -9.20 20.77
CA ALA A 185 13.45 -8.28 19.76
C ALA A 185 11.93 -8.38 19.62
N PHE A 186 11.42 -9.60 19.44
CA PHE A 186 9.99 -9.82 19.24
C PHE A 186 9.26 -10.15 20.55
N ASN A 187 9.90 -9.93 21.70
CA ASN A 187 9.32 -10.37 22.97
C ASN A 187 8.08 -9.54 23.36
N ASN A 188 7.91 -8.34 22.81
CA ASN A 188 6.65 -7.63 22.99
C ASN A 188 5.47 -8.34 22.30
N SER A 189 5.70 -9.44 21.59
CA SER A 189 4.68 -10.19 20.87
C SER A 189 4.58 -11.60 21.43
N ILE A 190 3.42 -12.24 21.24
CA ILE A 190 3.29 -13.65 21.56
C ILE A 190 3.76 -14.45 20.36
N ILE A 191 4.79 -15.27 20.56
CA ILE A 191 5.40 -16.02 19.46
C ILE A 191 5.35 -17.49 19.84
N PRO A 192 5.45 -18.39 18.87
CA PRO A 192 5.44 -19.83 19.17
C PRO A 192 6.45 -20.18 20.27
N GLU A 193 6.07 -21.14 21.13
CA GLU A 193 6.90 -21.45 22.29
C GLU A 193 8.23 -22.09 21.89
N ASP A 194 8.25 -22.84 20.78
CA ASP A 194 9.45 -23.51 20.30
C ASP A 194 10.10 -22.78 19.13
N THR A 195 9.97 -21.46 19.08
CA THR A 195 10.70 -20.69 18.09
C THR A 195 12.19 -20.96 18.25
N PHE A 196 12.85 -21.24 17.13
CA PHE A 196 14.28 -21.53 17.12
C PHE A 196 15.06 -20.23 17.24
N PHE A 197 15.91 -20.14 18.25
CA PHE A 197 16.81 -19.00 18.44
C PHE A 197 18.25 -19.50 18.38
N PRO A 198 18.91 -19.41 17.23
CA PRO A 198 20.29 -19.93 17.11
C PRO A 198 21.29 -18.99 17.76
N SER A 199 22.49 -19.50 17.97
CA SER A 199 23.53 -18.73 18.63
C SER A 199 24.73 -18.47 17.71
N THR B 1 -3.97 2.55 -22.40
CA THR B 1 -5.31 3.12 -22.29
C THR B 1 -5.85 3.07 -20.87
N GLY B 2 -6.94 3.79 -20.65
CA GLY B 2 -7.49 4.05 -19.33
C GLY B 2 -7.39 5.52 -18.96
N VAL B 3 -7.96 5.85 -17.81
CA VAL B 3 -7.87 7.21 -17.30
C VAL B 3 -6.44 7.49 -16.86
N SER B 4 -5.94 8.66 -17.23
CA SER B 4 -4.58 9.05 -16.90
C SER B 4 -4.61 10.29 -16.03
N GLN B 5 -3.62 10.43 -15.13
CA GLN B 5 -3.53 11.57 -14.24
C GLN B 5 -2.07 12.01 -14.13
N ASN B 6 -1.86 13.31 -14.00
CA ASN B 6 -0.49 13.78 -13.80
C ASN B 6 -0.53 15.05 -12.95
N PRO B 7 0.48 15.27 -12.10
CA PRO B 7 1.62 14.36 -11.88
C PRO B 7 1.21 13.14 -11.04
N ARG B 8 2.07 12.13 -10.96
CA ARG B 8 1.76 11.03 -10.07
C ARG B 8 2.00 11.37 -8.60
N HIS B 9 2.86 12.35 -8.33
CA HIS B 9 3.22 12.75 -6.97
C HIS B 9 3.52 14.24 -6.97
N LYS B 10 3.17 14.91 -5.88
CA LYS B 10 3.48 16.33 -5.72
C LYS B 10 3.80 16.62 -4.28
N ILE B 11 4.97 17.18 -4.04
CA ILE B 11 5.29 17.79 -2.76
C ILE B 11 5.16 19.30 -2.93
N THR B 12 4.59 19.96 -1.93
CA THR B 12 4.30 21.39 -1.98
C THR B 12 4.54 21.96 -0.59
N LYS B 13 5.16 23.13 -0.53
CA LYS B 13 5.23 23.82 0.75
C LYS B 13 3.86 24.39 1.08
N ARG B 14 3.47 24.28 2.36
CA ARG B 14 2.20 24.83 2.79
C ARG B 14 2.10 26.32 2.44
N GLY B 15 0.95 26.73 1.92
CA GLY B 15 0.75 28.08 1.45
C GLY B 15 0.91 28.27 -0.04
N GLN B 16 1.42 27.26 -0.75
CA GLN B 16 1.57 27.36 -2.18
C GLN B 16 0.36 26.77 -2.90
N ASN B 17 0.18 27.18 -4.15
CA ASN B 17 -0.82 26.61 -5.03
C ASN B 17 -0.27 25.32 -5.65
N VAL B 18 -1.20 24.55 -6.25
CA VAL B 18 -0.86 23.28 -6.88
C VAL B 18 -2.01 22.91 -7.80
N THR B 19 -1.68 22.36 -8.96
CA THR B 19 -2.69 21.99 -9.95
C THR B 19 -2.41 20.60 -10.48
N PHE B 20 -3.46 19.77 -10.50
CA PHE B 20 -3.39 18.39 -10.97
C PHE B 20 -4.22 18.28 -12.23
N ARG B 21 -3.93 17.28 -13.05
CA ARG B 21 -4.68 17.15 -14.29
C ARG B 21 -5.14 15.72 -14.47
N CYS B 22 -6.35 15.58 -15.02
CA CYS B 22 -6.94 14.29 -15.35
C CYS B 22 -7.21 14.23 -16.85
N ASP B 23 -6.86 13.11 -17.48
CA ASP B 23 -7.24 12.84 -18.86
C ASP B 23 -8.15 11.63 -18.91
N PRO B 24 -9.46 11.80 -18.97
CA PRO B 24 -10.36 10.64 -18.88
C PRO B 24 -10.36 9.80 -20.14
N ILE B 25 -11.14 8.73 -20.11
CA ILE B 25 -11.43 7.98 -21.33
C ILE B 25 -12.36 8.84 -22.19
N SER B 26 -12.01 8.96 -23.47
CA SER B 26 -12.59 10.00 -24.33
C SER B 26 -14.10 9.87 -24.46
N GLU B 27 -14.63 8.65 -24.38
CA GLU B 27 -16.04 8.37 -24.65
C GLU B 27 -16.95 8.74 -23.50
N HIS B 28 -16.40 9.19 -22.38
CA HIS B 28 -17.16 9.33 -21.15
C HIS B 28 -17.59 10.78 -21.00
N ASN B 29 -18.90 10.98 -20.87
CA ASN B 29 -19.45 12.30 -20.65
C ASN B 29 -19.27 12.78 -19.22
N ARG B 30 -19.01 11.88 -18.27
CA ARG B 30 -19.00 12.24 -16.86
C ARG B 30 -17.58 12.13 -16.29
N LEU B 31 -17.22 13.13 -15.49
CA LEU B 31 -15.93 13.16 -14.81
C LEU B 31 -16.14 13.49 -13.34
N TYR B 32 -15.34 12.85 -12.47
CA TYR B 32 -15.45 12.97 -11.03
C TYR B 32 -14.07 13.20 -10.44
N TRP B 33 -14.04 13.95 -9.34
CA TRP B 33 -12.86 14.08 -8.52
C TRP B 33 -13.20 13.59 -7.12
N TYR B 34 -12.24 12.88 -6.52
CA TYR B 34 -12.35 12.37 -5.15
C TYR B 34 -11.03 12.55 -4.44
N ARG B 35 -11.12 12.69 -3.14
CA ARG B 35 -9.99 12.71 -2.22
C ARG B 35 -10.05 11.45 -1.35
N GLN B 36 -8.89 10.86 -1.05
CA GLN B 36 -8.87 9.62 -0.27
C GLN B 36 -7.65 9.58 0.63
N THR B 37 -7.86 9.28 1.92
CA THR B 37 -6.75 9.06 2.84
C THR B 37 -6.79 7.63 3.37
N LEU B 38 -5.62 7.12 3.78
CA LEU B 38 -5.50 5.69 4.08
C LEU B 38 -6.51 5.24 5.13
N GLY B 39 -7.05 4.04 4.96
CA GLY B 39 -8.06 3.51 5.85
C GLY B 39 -9.44 4.07 5.65
N GLN B 40 -9.63 4.92 4.65
CA GLN B 40 -10.89 5.58 4.37
C GLN B 40 -11.24 5.36 2.91
N GLY B 41 -12.51 5.56 2.59
CA GLY B 41 -12.95 5.48 1.22
C GLY B 41 -12.64 6.76 0.46
N PRO B 42 -12.81 6.70 -0.86
CA PRO B 42 -12.83 7.95 -1.64
C PRO B 42 -13.98 8.85 -1.20
N GLU B 43 -13.63 10.11 -0.87
CA GLU B 43 -14.63 11.12 -0.52
C GLU B 43 -14.91 11.98 -1.74
N PHE B 44 -16.19 12.16 -2.05
CA PHE B 44 -16.62 12.89 -3.25
C PHE B 44 -16.22 14.36 -3.17
N LEU B 45 -15.67 14.88 -4.26
CA LEU B 45 -15.35 16.30 -4.37
C LEU B 45 -16.26 17.02 -5.35
N THR B 46 -16.22 16.67 -6.63
CA THR B 46 -17.13 17.29 -7.58
C THR B 46 -17.36 16.35 -8.75
N TYR B 47 -18.27 16.76 -9.63
CA TYR B 47 -18.77 15.93 -10.71
C TYR B 47 -19.02 16.80 -11.93
N PHE B 48 -18.45 16.42 -13.07
CA PHE B 48 -18.66 17.12 -14.34
C PHE B 48 -19.53 16.27 -15.24
N GLN B 49 -20.43 16.92 -15.96
CA GLN B 49 -21.04 16.35 -17.15
C GLN B 49 -20.71 17.27 -18.32
N ASN B 50 -20.06 16.70 -19.34
CA ASN B 50 -19.44 17.46 -20.43
C ASN B 50 -18.59 18.55 -19.76
N GLU B 51 -18.75 19.82 -20.12
CA GLU B 51 -17.98 20.88 -19.49
C GLU B 51 -18.63 21.45 -18.24
N ALA B 52 -19.90 21.12 -17.95
CA ALA B 52 -20.64 21.73 -16.85
C ALA B 52 -20.32 21.04 -15.52
N GLN B 53 -19.86 21.82 -14.53
CA GLN B 53 -19.60 21.28 -13.20
C GLN B 53 -20.93 21.23 -12.44
N LEU B 54 -21.58 20.07 -12.45
CA LEU B 54 -22.95 19.96 -11.95
C LEU B 54 -23.08 19.80 -10.44
N GLU B 55 -22.03 19.39 -9.73
CA GLU B 55 -22.17 19.12 -8.30
C GLU B 55 -20.85 19.31 -7.56
N LYS B 56 -20.92 19.96 -6.41
CA LYS B 56 -19.78 20.18 -5.52
C LYS B 56 -20.15 19.72 -4.12
N SER B 57 -19.18 19.12 -3.41
CA SER B 57 -19.36 18.76 -2.02
C SER B 57 -18.70 19.80 -1.12
N ARG B 58 -19.14 19.84 0.15
CA ARG B 58 -18.54 20.74 1.12
C ARG B 58 -17.04 20.51 1.29
N LEU B 59 -16.51 19.34 0.88
CA LEU B 59 -15.07 19.14 0.89
C LEU B 59 -14.38 19.99 -0.18
N LEU B 60 -15.11 20.37 -1.23
CA LEU B 60 -14.59 21.28 -2.25
C LEU B 60 -14.81 22.72 -1.76
N SER B 61 -13.94 23.12 -0.81
CA SER B 61 -14.00 24.44 -0.20
C SER B 61 -13.66 25.54 -1.23
N ASP B 62 -13.74 26.79 -0.76
CA ASP B 62 -13.42 27.96 -1.60
C ASP B 62 -12.05 27.84 -2.25
N ARG B 63 -11.02 27.39 -1.48
CA ARG B 63 -9.67 27.27 -2.02
C ARG B 63 -9.57 26.24 -3.12
N PHE B 64 -10.60 25.42 -3.31
CA PHE B 64 -10.60 24.37 -4.30
C PHE B 64 -11.30 24.85 -5.56
N SER B 65 -10.80 24.41 -6.70
CA SER B 65 -11.22 24.94 -7.99
C SER B 65 -10.99 23.87 -9.03
N ALA B 66 -12.07 23.39 -9.63
CA ALA B 66 -12.02 22.35 -10.64
C ALA B 66 -12.65 22.83 -11.95
N GLU B 67 -12.02 22.53 -13.07
CA GLU B 67 -12.62 22.88 -14.34
C GLU B 67 -12.34 21.79 -15.39
N ARG B 68 -13.27 21.69 -16.35
CA ARG B 68 -13.19 20.74 -17.46
C ARG B 68 -13.51 21.52 -18.74
N PRO B 69 -12.58 22.36 -19.20
CA PRO B 69 -12.97 23.43 -20.15
C PRO B 69 -13.64 22.89 -21.40
N LYS B 70 -13.05 21.87 -22.02
CA LYS B 70 -13.55 21.35 -23.28
C LYS B 70 -14.37 20.08 -23.11
N GLY B 71 -14.98 19.87 -21.93
CA GLY B 71 -15.67 18.61 -21.66
C GLY B 71 -14.78 17.40 -21.86
N SER B 72 -13.49 17.59 -21.60
CA SER B 72 -12.51 16.54 -21.82
C SER B 72 -11.65 16.41 -20.57
N PHE B 73 -10.35 16.71 -20.70
CA PHE B 73 -9.46 16.77 -19.55
C PHE B 73 -10.02 17.71 -18.49
N SER B 74 -9.56 17.51 -17.27
CA SER B 74 -9.96 18.33 -16.13
C SER B 74 -8.73 18.71 -15.32
N THR B 75 -8.79 19.89 -14.70
CA THR B 75 -7.75 20.33 -13.78
C THR B 75 -8.39 20.68 -12.45
N LEU B 76 -7.68 20.37 -11.37
CA LEU B 76 -8.14 20.68 -10.02
C LEU B 76 -7.06 21.51 -9.34
N GLU B 77 -7.42 22.71 -8.93
CA GLU B 77 -6.48 23.63 -8.32
C GLU B 77 -6.82 23.78 -6.84
N ILE B 78 -5.80 23.60 -6.00
CA ILE B 78 -5.87 23.91 -4.58
C ILE B 78 -4.98 25.12 -4.37
N GLN B 79 -5.57 26.21 -3.87
CA GLN B 79 -4.80 27.40 -3.57
C GLN B 79 -4.48 27.44 -2.09
N ARG B 80 -3.29 27.95 -1.76
CA ARG B 80 -2.89 28.15 -0.37
C ARG B 80 -2.99 26.86 0.44
N THR B 81 -2.16 25.89 0.06
CA THR B 81 -2.30 24.52 0.52
C THR B 81 -2.11 24.39 2.04
N GLU B 82 -2.97 23.58 2.65
CA GLU B 82 -2.88 23.23 4.06
C GLU B 82 -2.43 21.78 4.23
N GLN B 83 -1.89 21.48 5.42
CA GLN B 83 -1.45 20.12 5.71
C GLN B 83 -2.60 19.13 5.56
N GLY B 84 -3.82 19.54 5.92
CA GLY B 84 -4.99 18.71 5.80
C GLY B 84 -5.46 18.46 4.38
N ASP B 85 -4.82 19.09 3.39
CA ASP B 85 -5.03 18.75 1.99
C ASP B 85 -4.17 17.57 1.53
N SER B 86 -3.23 17.11 2.34
CA SER B 86 -2.49 15.90 2.00
C SER B 86 -3.44 14.72 1.86
N ALA B 87 -3.38 14.08 0.68
CA ALA B 87 -4.27 12.98 0.31
C ALA B 87 -3.91 12.48 -1.08
N MET B 88 -4.57 11.42 -1.54
CA MET B 88 -4.50 11.00 -2.93
C MET B 88 -5.72 11.57 -3.64
N TYR B 89 -5.50 12.26 -4.74
CA TYR B 89 -6.59 12.87 -5.49
C TYR B 89 -6.91 11.99 -6.69
N LEU B 90 -8.09 11.38 -6.67
CA LEU B 90 -8.50 10.44 -7.69
C LEU B 90 -9.46 11.08 -8.70
N CYS B 91 -9.26 10.74 -9.96
CA CYS B 91 -10.16 11.12 -11.04
C CYS B 91 -10.81 9.87 -11.61
N ALA B 92 -12.04 10.04 -12.05
CA ALA B 92 -12.79 8.92 -12.60
C ALA B 92 -13.69 9.41 -13.71
N SER B 93 -13.90 8.57 -14.71
CA SER B 93 -14.88 8.88 -15.74
C SER B 93 -15.87 7.74 -15.87
N SER B 94 -17.04 8.07 -16.42
CA SER B 94 -18.16 7.15 -16.51
C SER B 94 -18.88 7.34 -17.83
N PRO B 95 -19.27 6.24 -18.50
CA PRO B 95 -20.27 6.35 -19.57
C PRO B 95 -21.68 6.41 -19.05
N ASP B 96 -21.92 5.92 -17.83
CA ASP B 96 -23.24 5.96 -17.24
C ASP B 96 -23.10 6.12 -15.73
N ILE B 97 -22.91 5.01 -15.01
CA ILE B 97 -22.78 5.09 -13.57
C ILE B 97 -21.57 4.32 -13.04
N GLU B 98 -21.15 3.25 -13.73
CA GLU B 98 -19.88 2.63 -13.38
C GLU B 98 -18.75 3.65 -13.50
N GLN B 99 -17.86 3.67 -12.51
CA GLN B 99 -16.76 4.62 -12.48
C GLN B 99 -15.43 3.92 -12.72
N TYR B 100 -14.60 4.54 -13.56
CA TYR B 100 -13.27 4.05 -13.94
C TYR B 100 -12.25 5.07 -13.46
N PHE B 101 -11.31 4.64 -12.62
CA PHE B 101 -10.42 5.53 -11.90
C PHE B 101 -9.04 5.62 -12.53
N GLY B 102 -8.47 6.82 -12.49
CA GLY B 102 -7.09 7.00 -12.83
C GLY B 102 -6.18 6.59 -11.69
N PRO B 103 -4.86 6.65 -11.95
CA PRO B 103 -3.88 6.19 -10.94
C PRO B 103 -3.69 7.16 -9.79
N GLY B 104 -4.23 8.38 -9.88
CA GLY B 104 -4.19 9.32 -8.78
C GLY B 104 -3.02 10.29 -8.84
N THR B 105 -3.13 11.35 -8.03
CA THR B 105 -2.05 12.27 -7.73
C THR B 105 -1.89 12.28 -6.21
N ARG B 106 -0.73 11.86 -5.73
CA ARG B 106 -0.46 11.84 -4.30
C ARG B 106 0.12 13.20 -3.92
N LEU B 107 -0.61 13.94 -3.09
CA LEU B 107 -0.17 15.25 -2.65
C LEU B 107 0.31 15.16 -1.21
N THR B 108 1.50 15.68 -0.96
CA THR B 108 1.99 15.90 0.40
C THR B 108 2.28 17.39 0.55
N VAL B 109 1.61 18.01 1.52
CA VAL B 109 1.87 19.39 1.89
C VAL B 109 2.74 19.37 3.14
N THR B 110 3.95 19.92 3.01
CA THR B 110 4.91 19.93 4.11
C THR B 110 5.12 21.37 4.57
N GLU B 111 5.53 21.52 5.82
CA GLU B 111 5.79 22.85 6.36
C GLU B 111 6.89 23.56 5.58
N ASP B 112 7.79 22.78 4.99
CA ASP B 112 9.04 23.33 4.48
C ASP B 112 9.78 22.27 3.68
N LEU B 113 10.09 22.60 2.42
CA LEU B 113 10.76 21.67 1.52
C LEU B 113 11.99 21.01 2.13
N LYS B 114 12.59 21.65 3.14
CA LYS B 114 13.77 21.16 3.87
C LYS B 114 13.53 19.87 4.63
N ASN B 115 12.28 19.49 4.85
CA ASN B 115 11.99 18.21 5.51
C ASN B 115 11.83 17.06 4.53
N VAL B 116 12.06 17.32 3.24
CA VAL B 116 12.10 16.28 2.23
C VAL B 116 13.48 15.64 2.23
N PHE B 117 13.52 14.31 2.27
CA PHE B 117 14.75 13.52 2.33
C PHE B 117 14.64 12.29 1.44
N PRO B 118 15.69 11.95 0.70
CA PRO B 118 15.72 10.67 -0.02
C PRO B 118 15.94 9.54 0.95
N PRO B 119 15.51 8.31 0.61
CA PRO B 119 15.82 7.15 1.47
C PRO B 119 17.31 6.82 1.46
N GLU B 120 17.76 6.31 2.59
CA GLU B 120 18.95 5.49 2.59
C GLU B 120 18.53 4.04 2.48
N VAL B 121 19.35 3.23 1.79
CA VAL B 121 19.01 1.86 1.44
C VAL B 121 20.19 0.97 1.79
N ALA B 122 19.88 -0.19 2.38
CA ALA B 122 20.86 -1.20 2.78
C ALA B 122 20.26 -2.58 2.57
N VAL B 123 21.09 -3.51 2.12
CA VAL B 123 20.69 -4.89 1.91
C VAL B 123 21.39 -5.74 2.98
N PHE B 124 20.61 -6.61 3.62
CA PHE B 124 21.09 -7.49 4.68
C PHE B 124 21.12 -8.93 4.18
N GLU B 125 22.28 -9.55 4.30
CA GLU B 125 22.65 -10.84 3.72
C GLU B 125 22.05 -12.00 4.51
N PRO B 126 21.69 -13.09 3.83
CA PRO B 126 21.05 -14.22 4.52
C PRO B 126 21.89 -14.75 5.69
N SER B 127 21.19 -15.03 6.78
CA SER B 127 21.78 -15.66 7.96
C SER B 127 22.32 -17.06 7.65
N GLU B 128 23.52 -17.36 8.15
CA GLU B 128 24.08 -18.70 8.00
C GLU B 128 23.21 -19.73 8.68
N ALA B 129 22.59 -19.36 9.80
CA ALA B 129 21.76 -20.28 10.55
C ALA B 129 20.49 -20.63 9.78
N GLU B 130 19.87 -19.65 9.11
CA GLU B 130 18.73 -19.97 8.27
C GLU B 130 19.14 -20.92 7.15
N ILE B 131 20.28 -20.63 6.51
CA ILE B 131 20.76 -21.46 5.40
C ILE B 131 20.90 -22.92 5.82
N SER B 132 21.50 -23.17 7.00
CA SER B 132 21.67 -24.54 7.48
C SER B 132 20.36 -25.16 7.94
N HIS B 133 19.44 -24.35 8.46
CA HIS B 133 18.22 -24.89 9.04
C HIS B 133 17.17 -25.18 7.97
N THR B 134 17.05 -24.33 6.96
CA THR B 134 15.94 -24.43 6.03
C THR B 134 16.36 -24.66 4.59
N GLN B 135 17.65 -24.60 4.29
CA GLN B 135 18.17 -24.66 2.92
C GLN B 135 17.64 -23.51 2.06
N LYS B 136 17.20 -22.42 2.68
CA LYS B 136 16.74 -21.22 1.98
C LYS B 136 17.48 -20.01 2.53
N ALA B 137 17.39 -18.90 1.80
CA ALA B 137 18.14 -17.69 2.11
C ALA B 137 17.26 -16.46 1.90
N THR B 138 17.04 -15.69 2.95
CA THR B 138 16.23 -14.48 2.92
C THR B 138 17.12 -13.26 2.98
N LEU B 139 17.06 -12.44 1.93
CA LEU B 139 17.65 -11.12 1.97
C LEU B 139 16.61 -10.13 2.47
N VAL B 140 17.07 -9.12 3.21
CA VAL B 140 16.20 -8.08 3.73
C VAL B 140 16.72 -6.73 3.27
N CYS B 141 15.84 -5.93 2.67
CA CYS B 141 16.16 -4.55 2.36
C CYS B 141 15.51 -3.63 3.40
N LEU B 142 16.24 -2.60 3.82
CA LEU B 142 15.70 -1.51 4.63
C LEU B 142 15.87 -0.18 3.89
N ALA B 143 14.75 0.52 3.68
CA ALA B 143 14.77 1.92 3.25
C ALA B 143 14.33 2.81 4.42
N THR B 144 15.18 3.76 4.80
CA THR B 144 15.01 4.55 6.01
C THR B 144 15.21 6.04 5.74
N GLY B 145 14.59 6.85 6.60
CA GLY B 145 14.81 8.29 6.58
C GLY B 145 14.29 9.03 5.36
N PHE B 146 13.24 8.54 4.70
CA PHE B 146 12.67 9.29 3.59
C PHE B 146 11.42 10.02 4.04
N TYR B 147 11.19 11.18 3.43
CA TYR B 147 9.99 11.99 3.54
C TYR B 147 9.90 12.72 2.21
N PRO B 148 8.74 12.71 1.55
CA PRO B 148 7.51 12.05 1.99
C PRO B 148 7.48 10.56 1.71
N ASP B 149 6.35 9.95 2.02
CA ASP B 149 6.22 8.49 2.02
C ASP B 149 5.74 7.96 0.69
N HIS B 150 6.28 8.51 -0.39
CA HIS B 150 6.00 7.92 -1.73
C HIS B 150 7.29 7.33 -2.34
N VAL B 151 7.46 6.04 -2.14
CA VAL B 151 8.58 5.31 -2.71
C VAL B 151 8.00 4.10 -3.43
N GLU B 152 8.83 3.48 -4.27
CA GLU B 152 8.51 2.19 -4.88
C GLU B 152 9.74 1.31 -4.77
N LEU B 153 9.65 0.25 -3.98
CA LEU B 153 10.74 -0.68 -3.75
C LEU B 153 10.60 -1.87 -4.69
N SER B 154 11.71 -2.31 -5.28
CA SER B 154 11.71 -3.48 -6.14
C SER B 154 13.03 -4.23 -5.96
N TRP B 155 12.99 -5.54 -6.24
CA TRP B 155 14.20 -6.37 -6.20
C TRP B 155 14.65 -6.70 -7.63
N TRP B 156 15.97 -6.66 -7.85
CA TRP B 156 16.57 -6.91 -9.15
C TRP B 156 17.66 -7.96 -8.97
N VAL B 157 17.52 -9.11 -9.62
CA VAL B 157 18.48 -10.19 -9.54
C VAL B 157 19.11 -10.40 -10.92
N ASN B 158 20.43 -10.23 -11.00
CA ASN B 158 21.21 -10.27 -12.24
C ASN B 158 20.63 -9.32 -13.29
N GLY B 159 20.30 -8.10 -12.82
CA GLY B 159 19.84 -7.06 -13.71
C GLY B 159 18.37 -7.12 -14.09
N LYS B 160 17.63 -8.16 -13.70
CA LYS B 160 16.20 -8.28 -14.03
C LYS B 160 15.34 -8.23 -12.77
N GLU B 161 14.14 -7.66 -12.90
CA GLU B 161 13.28 -7.49 -11.74
C GLU B 161 12.59 -8.82 -11.41
N VAL B 162 12.55 -9.17 -10.13
CA VAL B 162 11.90 -10.40 -9.70
C VAL B 162 10.71 -10.07 -8.80
N HIS B 163 9.67 -10.89 -8.93
CA HIS B 163 8.51 -10.85 -8.06
C HIS B 163 8.30 -12.11 -7.21
N SER B 164 8.76 -13.26 -7.68
CA SER B 164 8.58 -14.49 -6.91
C SER B 164 9.49 -14.49 -5.69
N GLY B 165 8.95 -14.95 -4.56
CA GLY B 165 9.71 -14.95 -3.33
C GLY B 165 9.90 -13.59 -2.70
N VAL B 166 9.07 -12.61 -3.07
CA VAL B 166 9.19 -11.25 -2.58
C VAL B 166 8.03 -10.91 -1.65
N CYS B 167 8.35 -10.20 -0.57
CA CYS B 167 7.35 -9.60 0.31
C CYS B 167 7.84 -8.22 0.72
N THR B 168 7.08 -7.19 0.39
CA THR B 168 7.35 -5.84 0.82
C THR B 168 6.23 -5.37 1.74
N ASP B 169 6.59 -4.62 2.78
CA ASP B 169 5.60 -4.06 3.69
C ASP B 169 4.55 -3.27 2.90
N PRO B 170 3.25 -3.51 3.13
CA PRO B 170 2.24 -2.72 2.41
C PRO B 170 2.35 -1.23 2.66
N GLN B 171 2.75 -0.80 3.86
CA GLN B 171 2.98 0.63 4.05
C GLN B 171 4.31 0.91 4.72
N PRO B 172 4.93 2.05 4.40
CA PRO B 172 6.06 2.52 5.20
C PRO B 172 5.60 3.05 6.55
N LEU B 173 6.33 2.71 7.60
CA LEU B 173 6.03 3.15 8.95
C LEU B 173 6.81 4.42 9.32
N LYS B 174 6.26 5.18 10.26
CA LYS B 174 6.85 6.45 10.66
C LYS B 174 8.03 6.24 11.60
N GLU B 175 9.09 7.03 11.39
CA GLU B 175 10.26 6.96 12.26
C GLU B 175 10.11 7.79 13.53
N GLN B 176 9.32 8.85 13.48
CA GLN B 176 9.03 9.71 14.62
C GLN B 176 7.53 9.90 14.70
N PRO B 177 6.80 8.88 15.18
CA PRO B 177 5.32 8.92 15.10
C PRO B 177 4.68 10.13 15.77
N ALA B 178 5.37 10.77 16.71
CA ALA B 178 4.86 11.96 17.38
C ALA B 178 5.34 13.25 16.72
N LEU B 179 5.72 13.20 15.44
CA LEU B 179 6.11 14.38 14.68
C LEU B 179 5.26 14.44 13.40
N ASN B 180 4.77 15.63 13.07
CA ASN B 180 3.84 15.75 11.96
C ASN B 180 4.52 15.51 10.61
N ASP B 181 5.80 15.87 10.49
CA ASP B 181 6.51 15.63 9.24
C ASP B 181 7.58 14.57 9.48
N SER B 182 7.17 13.43 10.02
CA SER B 182 8.08 12.35 10.36
C SER B 182 8.61 11.69 9.10
N ARG B 183 9.92 11.39 9.11
CA ARG B 183 10.50 10.54 8.10
C ARG B 183 10.01 9.10 8.26
N TYR B 184 10.13 8.33 7.20
CA TYR B 184 9.53 7.01 7.12
C TYR B 184 10.59 5.94 6.91
N ALA B 185 10.16 4.69 7.11
CA ALA B 185 10.99 3.53 6.90
C ALA B 185 10.16 2.43 6.24
N LEU B 186 10.81 1.61 5.42
CA LEU B 186 10.20 0.51 4.68
C LEU B 186 11.15 -0.67 4.63
N SER B 187 10.60 -1.88 4.76
CA SER B 187 11.38 -3.10 4.68
C SER B 187 10.75 -4.06 3.66
N SER B 188 11.61 -4.92 3.13
CA SER B 188 11.22 -5.91 2.14
C SER B 188 12.12 -7.13 2.31
N ARG B 189 11.59 -8.29 1.98
CA ARG B 189 12.31 -9.54 2.02
C ARG B 189 12.37 -10.13 0.62
N LEU B 190 13.43 -10.90 0.35
CA LEU B 190 13.53 -11.67 -0.88
C LEU B 190 14.13 -13.02 -0.51
N ARG B 191 13.42 -14.08 -0.82
CA ARG B 191 13.85 -15.40 -0.38
C ARG B 191 14.19 -16.21 -1.61
N VAL B 192 15.41 -16.76 -1.61
CA VAL B 192 15.89 -17.62 -2.68
C VAL B 192 16.37 -18.90 -2.03
N SER B 193 16.56 -19.94 -2.84
CA SER B 193 17.17 -21.16 -2.33
C SER B 193 18.60 -20.88 -1.89
N ALA B 194 19.09 -21.70 -0.93
CA ALA B 194 20.46 -21.56 -0.46
C ALA B 194 21.47 -21.67 -1.61
N THR B 195 21.23 -22.60 -2.55
CA THR B 195 22.22 -22.80 -3.61
C THR B 195 22.25 -21.62 -4.58
N PHE B 196 21.11 -20.99 -4.87
CA PHE B 196 21.10 -19.78 -5.68
C PHE B 196 21.87 -18.65 -5.00
N TRP B 197 21.77 -18.55 -3.66
CA TRP B 197 22.52 -17.53 -2.93
C TRP B 197 24.00 -17.84 -2.86
N GLN B 198 24.36 -19.11 -2.71
CA GLN B 198 25.78 -19.44 -2.62
C GLN B 198 26.53 -19.23 -3.93
N ASN B 199 25.83 -19.05 -5.04
CA ASN B 199 26.46 -18.76 -6.33
C ASN B 199 27.06 -17.35 -6.37
N PRO B 200 28.39 -17.20 -6.43
CA PRO B 200 29.01 -15.85 -6.36
C PRO B 200 28.86 -15.00 -7.62
N ARG B 201 28.24 -15.49 -8.68
CA ARG B 201 27.98 -14.67 -9.84
C ARG B 201 26.57 -14.11 -9.84
N ASN B 202 25.76 -14.47 -8.86
CA ASN B 202 24.42 -13.92 -8.76
C ASN B 202 24.48 -12.58 -8.05
N HIS B 203 23.85 -11.56 -8.64
CA HIS B 203 23.85 -10.19 -8.14
C HIS B 203 22.44 -9.79 -7.70
N PHE B 204 22.34 -9.24 -6.49
CA PHE B 204 21.06 -8.91 -5.86
C PHE B 204 21.03 -7.42 -5.56
N ARG B 205 20.06 -6.71 -6.14
CA ARG B 205 19.86 -5.28 -5.89
C ARG B 205 18.47 -5.03 -5.33
N CYS B 206 18.41 -4.27 -4.25
CA CYS B 206 17.18 -3.67 -3.77
C CYS B 206 17.14 -2.22 -4.24
N GLN B 207 16.12 -1.87 -5.01
CA GLN B 207 15.99 -0.55 -5.61
C GLN B 207 14.79 0.18 -5.02
N VAL B 208 14.98 1.44 -4.65
CA VAL B 208 13.90 2.27 -4.13
C VAL B 208 13.79 3.51 -5.02
N GLN B 209 12.73 3.58 -5.80
CA GLN B 209 12.38 4.81 -6.51
C GLN B 209 11.75 5.80 -5.53
N PHE B 210 12.38 6.96 -5.36
CA PHE B 210 11.85 7.98 -4.47
C PHE B 210 11.35 9.17 -5.30
N TYR B 211 10.18 9.70 -4.95
CA TYR B 211 9.60 10.84 -5.66
C TYR B 211 9.75 12.09 -4.79
N GLY B 212 10.59 13.02 -5.23
CA GLY B 212 10.97 14.17 -4.43
C GLY B 212 10.72 15.48 -5.15
N LEU B 213 11.65 16.41 -4.95
CA LEU B 213 11.48 17.75 -5.46
C LEU B 213 11.52 17.77 -6.98
N SER B 214 10.88 18.79 -7.54
CA SER B 214 10.90 19.04 -8.97
C SER B 214 12.08 19.94 -9.37
N GLU B 215 12.41 19.90 -10.66
CA GLU B 215 13.53 20.71 -11.14
C GLU B 215 13.31 22.20 -10.91
N ASN B 216 12.05 22.64 -10.90
CA ASN B 216 11.74 24.04 -10.65
C ASN B 216 11.38 24.30 -9.19
N ASP B 217 11.77 23.42 -8.27
CA ASP B 217 11.59 23.64 -6.85
C ASP B 217 12.77 24.43 -6.31
N GLU B 218 12.49 25.35 -5.38
CA GLU B 218 13.51 26.22 -4.81
C GLU B 218 14.30 25.46 -3.76
N TRP B 219 15.59 25.25 -3.99
CA TRP B 219 16.45 24.56 -3.02
C TRP B 219 17.46 25.54 -2.43
N THR B 220 17.48 25.65 -1.10
CA THR B 220 18.24 26.67 -0.38
C THR B 220 19.11 26.03 0.70
N GLN B 221 19.63 24.83 0.45
CA GLN B 221 20.56 24.16 1.37
C GLN B 221 21.79 23.70 0.62
N ASP B 222 22.75 23.17 1.37
CA ASP B 222 23.96 22.67 0.75
C ASP B 222 23.97 21.15 0.64
N ARG B 223 23.23 20.44 1.48
CA ARG B 223 23.00 19.03 1.20
C ARG B 223 22.22 18.90 -0.11
N ALA B 224 22.52 17.83 -0.85
CA ALA B 224 21.99 17.70 -2.20
C ALA B 224 20.46 17.81 -2.21
N LYS B 225 19.93 18.43 -3.25
CA LYS B 225 18.51 18.63 -3.43
C LYS B 225 17.79 17.28 -3.55
N PRO B 226 16.89 16.96 -2.65
CA PRO B 226 16.23 15.64 -2.70
C PRO B 226 15.23 15.51 -3.86
N VAL B 227 15.74 15.54 -5.09
CA VAL B 227 14.89 15.37 -6.27
C VAL B 227 14.42 13.92 -6.37
N THR B 228 13.42 13.71 -7.23
CA THR B 228 13.11 12.37 -7.68
C THR B 228 14.38 11.67 -8.14
N GLN B 229 14.58 10.43 -7.66
CA GLN B 229 15.84 9.72 -7.85
C GLN B 229 15.67 8.27 -7.38
N ILE B 230 16.50 7.41 -7.92
CA ILE B 230 16.61 6.04 -7.45
C ILE B 230 17.77 5.96 -6.47
N VAL B 231 17.53 5.29 -5.34
CA VAL B 231 18.60 4.82 -4.47
C VAL B 231 18.48 3.31 -4.39
N SER B 232 19.62 2.64 -4.41
CA SER B 232 19.66 1.19 -4.44
C SER B 232 20.84 0.72 -3.62
N ALA B 233 20.78 -0.54 -3.17
CA ALA B 233 21.91 -1.19 -2.54
C ALA B 233 21.99 -2.62 -3.04
N GLU B 234 23.18 -3.21 -2.97
CA GLU B 234 23.46 -4.46 -3.67
C GLU B 234 24.19 -5.44 -2.77
N ALA B 235 24.16 -6.70 -3.18
CA ALA B 235 24.89 -7.79 -2.55
C ALA B 235 25.10 -8.89 -3.59
N TRP B 236 26.28 -9.50 -3.56
CA TRP B 236 26.58 -10.67 -4.37
C TRP B 236 26.44 -11.94 -3.52
N GLY B 237 26.14 -13.06 -4.18
CA GLY B 237 26.11 -14.33 -3.47
C GLY B 237 27.49 -14.78 -3.00
N ARG B 238 27.48 -15.67 -1.98
CA ARG B 238 28.73 -16.15 -1.38
C ARG B 238 28.64 -17.65 -1.12
N ALA B 239 29.72 -18.36 -1.48
CA ALA B 239 29.74 -19.82 -1.37
C ALA B 239 30.34 -20.25 -0.04
N ASP B 240 29.56 -20.05 1.02
CA ASP B 240 29.87 -20.55 2.38
C ASP B 240 31.29 -20.22 2.83
#